data_8G8Q
#
_entry.id   8G8Q
#
_cell.length_a   77.850
_cell.length_b   88.755
_cell.length_c   98.692
_cell.angle_alpha   90.000
_cell.angle_beta   90.000
_cell.angle_gamma   90.000
#
_symmetry.space_group_name_H-M   'P 21 21 21'
#
loop_
_entity.id
_entity.type
_entity.pdbx_description
1 polymer 'Importin subunit alpha-1'
2 polymer 'monopartite p52 NLS'
3 polymer 'bacterial peptide'
4 water water
#
loop_
_entity_poly.entity_id
_entity_poly.type
_entity_poly.pdbx_seq_one_letter_code
_entity_poly.pdbx_strand_id
1 'polypeptide(L)'
;MHHHHHHSSGLVPRGSGMLETAAALFERNHMDSPDLGTDDDDLAMADIGSNQGTVNWSVEDIVKGINSNNLESQLQATQA
ARKLLSREKQPPIDNIIRAGLIPKFVSFLGKTDCSPIQFESAWALTNIASGTSEQTKAVVDGGAIPAFISLLASPHAHIS
EQAVWALGNIAGDGSAFRDLVIKHGAIDPLLALLAVPDLSTLACGYLRNLTWTLSNLCRNKNPAPPLDAVEQILPTLVRL
LHHNDPEVLADSCWAISYLTDGPNERIEMVVKKGVVPQLVKLLGATELPIVTPALRAIGNIVTGTDEQTQKVIDAGALAV
FPSLLTNPKTNIQKEATWTMSNITAGRQDQIQQVVNHGLVPFLVGVLSKADFKTQKEAAWAITNYTSGGTVEQIVYLVHC
GIIEPLMNLLSAKDTKIIQVILDAISNIFQAAEKLGETEKLSIMIEECGGLDKIEALQRHENESVYKASLNLIEKYFSVE
EEEDQNVVPETTSEGFAFQVQDGAPGTFNF
;
A
2 'polypeptide(L)' VEDEKEEVQRKRRKALPTFSQ B
3 'polypeptide(L)' QRKRR C
#
# COMPACT_ATOMS: atom_id res chain seq x y z
N GLY A 53 -11.06 39.91 -11.11
CA GLY A 53 -12.05 39.59 -12.12
C GLY A 53 -13.08 38.57 -11.65
N THR A 54 -12.63 37.34 -11.39
CA THR A 54 -13.46 36.26 -10.88
C THR A 54 -13.06 35.86 -9.46
N VAL A 55 -12.38 36.73 -8.74
CA VAL A 55 -11.84 36.42 -7.42
C VAL A 55 -12.90 36.70 -6.37
N ASN A 56 -13.23 35.68 -5.56
CA ASN A 56 -14.04 35.83 -4.35
C ASN A 56 -15.48 36.26 -4.66
N TRP A 57 -16.10 35.60 -5.65
CA TRP A 57 -17.53 35.78 -5.83
C TRP A 57 -18.30 35.03 -4.74
N SER A 58 -19.52 35.50 -4.49
CA SER A 58 -20.46 34.76 -3.69
C SER A 58 -21.05 33.60 -4.51
N VAL A 59 -21.58 32.61 -3.80
CA VAL A 59 -22.31 31.55 -4.47
C VAL A 59 -23.50 32.12 -5.24
N GLU A 60 -24.11 33.17 -4.68
CA GLU A 60 -25.27 33.78 -5.33
C GLU A 60 -24.90 34.39 -6.67
N ASP A 61 -23.75 35.07 -6.75
CA ASP A 61 -23.33 35.63 -8.02
C ASP A 61 -23.00 34.54 -9.03
N ILE A 62 -22.33 33.48 -8.58
CA ILE A 62 -22.05 32.35 -9.44
C ILE A 62 -23.34 31.78 -10.00
N VAL A 63 -24.32 31.55 -9.13
CA VAL A 63 -25.62 31.03 -9.55
C VAL A 63 -26.27 31.95 -10.56
N LYS A 64 -26.24 33.26 -10.29
CA LYS A 64 -26.86 34.20 -11.22
C LYS A 64 -26.20 34.10 -12.59
N GLY A 65 -24.87 34.02 -12.62
CA GLY A 65 -24.17 33.95 -13.89
C GLY A 65 -24.39 32.65 -14.64
N ILE A 66 -24.44 31.54 -13.91
CA ILE A 66 -24.63 30.25 -14.57
C ILE A 66 -26.07 30.10 -15.06
N ASN A 67 -27.03 30.76 -14.42
CA ASN A 67 -28.42 30.70 -14.86
C ASN A 67 -28.76 31.72 -15.95
N SER A 68 -27.81 32.58 -16.33
CA SER A 68 -28.02 33.46 -17.47
C SER A 68 -28.05 32.64 -18.75
N ASN A 69 -28.65 33.20 -19.81
CA ASN A 69 -28.65 32.56 -21.12
C ASN A 69 -27.45 32.95 -21.95
N ASN A 70 -26.33 33.26 -21.31
CA ASN A 70 -25.18 33.87 -21.95
C ASN A 70 -23.99 32.96 -21.70
N LEU A 71 -23.51 32.32 -22.76
CA LEU A 71 -22.45 31.34 -22.60
C LEU A 71 -21.22 31.96 -21.94
N GLU A 72 -20.90 33.22 -22.29
CA GLU A 72 -19.74 33.87 -21.70
C GLU A 72 -19.97 34.25 -20.24
N SER A 73 -21.18 34.71 -19.89
CA SER A 73 -21.47 34.93 -18.48
C SER A 73 -21.39 33.62 -17.71
N GLN A 74 -21.87 32.53 -18.30
CA GLN A 74 -21.75 31.22 -17.67
C GLN A 74 -20.29 30.82 -17.50
N LEU A 75 -19.46 31.09 -18.51
CA LEU A 75 -18.04 30.81 -18.41
C LEU A 75 -17.40 31.56 -17.24
N GLN A 76 -17.66 32.86 -17.14
CA GLN A 76 -17.06 33.62 -16.04
C GLN A 76 -17.59 33.17 -14.68
N ALA A 77 -18.87 32.79 -14.60
CA ALA A 77 -19.38 32.31 -13.33
C ALA A 77 -18.80 30.96 -12.95
N THR A 78 -18.53 30.12 -13.95
CA THR A 78 -17.94 28.82 -13.71
C THR A 78 -16.49 28.94 -13.29
N GLN A 79 -15.74 29.83 -13.95
CA GLN A 79 -14.40 30.14 -13.47
C GLN A 79 -14.42 30.63 -12.03
N ALA A 80 -15.37 31.52 -11.69
CA ALA A 80 -15.42 32.02 -10.31
C ALA A 80 -15.71 30.89 -9.33
N ALA A 81 -16.58 29.95 -9.73
CA ALA A 81 -16.84 28.77 -8.92
C ALA A 81 -15.58 27.93 -8.76
N ARG A 82 -14.87 27.70 -9.87
CA ARG A 82 -13.63 26.94 -9.81
C ARG A 82 -12.67 27.58 -8.81
N LYS A 83 -12.54 28.91 -8.86
CA LYS A 83 -11.62 29.60 -7.95
C LYS A 83 -12.07 29.46 -6.50
N LEU A 84 -13.38 29.60 -6.23
CA LEU A 84 -13.87 29.32 -4.89
C LEU A 84 -13.46 27.91 -4.44
N LEU A 85 -13.66 26.93 -5.32
CA LEU A 85 -13.39 25.53 -4.96
C LEU A 85 -11.91 25.20 -4.92
N SER A 86 -11.03 26.10 -5.38
CA SER A 86 -9.60 25.83 -5.38
C SER A 86 -8.87 26.63 -4.30
N ARG A 87 -9.60 27.40 -3.49
CA ARG A 87 -8.97 28.14 -2.41
C ARG A 87 -8.48 27.17 -1.33
N GLU A 88 -7.42 27.58 -0.64
CA GLU A 88 -6.73 26.66 0.26
C GLU A 88 -7.56 26.34 1.50
N LYS A 89 -8.37 27.28 1.95
CA LYS A 89 -9.09 27.16 3.22
C LYS A 89 -10.52 26.73 2.94
N GLN A 90 -10.87 25.50 3.31
CA GLN A 90 -12.24 25.02 3.39
C GLN A 90 -13.08 25.51 2.22
N PRO A 91 -12.87 24.97 1.02
CA PRO A 91 -13.69 25.38 -0.12
C PRO A 91 -15.16 25.14 0.16
N PRO A 92 -16.04 26.00 -0.32
CA PRO A 92 -17.47 25.89 -0.02
C PRO A 92 -18.16 24.78 -0.82
N ILE A 93 -17.66 23.55 -0.64
CA ILE A 93 -18.17 22.44 -1.43
C ILE A 93 -19.67 22.28 -1.20
N ASP A 94 -20.08 22.19 0.06
CA ASP A 94 -21.48 21.93 0.35
C ASP A 94 -22.36 23.07 -0.14
N ASN A 95 -21.89 24.31 -0.03
CA ASN A 95 -22.68 25.44 -0.52
C ASN A 95 -22.86 25.38 -2.04
N ILE A 96 -21.82 24.97 -2.77
CA ILE A 96 -21.92 24.85 -4.22
C ILE A 96 -22.87 23.74 -4.61
N ILE A 97 -22.81 22.60 -3.90
CA ILE A 97 -23.76 21.52 -4.16
C ILE A 97 -25.19 21.97 -3.89
N ARG A 98 -25.45 22.53 -2.70
CA ARG A 98 -26.81 22.92 -2.34
C ARG A 98 -27.38 23.97 -3.30
N ALA A 99 -26.53 24.73 -3.98
CA ALA A 99 -27.00 25.66 -5.00
C ALA A 99 -27.49 24.97 -6.27
N GLY A 100 -27.35 23.65 -6.38
CA GLY A 100 -27.81 22.93 -7.55
C GLY A 100 -26.92 23.11 -8.77
N LEU A 101 -25.64 23.40 -8.56
CA LEU A 101 -24.75 23.74 -9.67
C LEU A 101 -24.16 22.54 -10.41
N ILE A 102 -24.11 21.35 -9.79
CA ILE A 102 -23.44 20.21 -10.43
C ILE A 102 -24.03 19.90 -11.79
N PRO A 103 -25.34 19.81 -11.96
CA PRO A 103 -25.90 19.53 -13.29
C PRO A 103 -25.45 20.51 -14.36
N LYS A 104 -25.39 21.79 -14.04
CA LYS A 104 -24.98 22.78 -15.02
CA LYS A 104 -24.98 22.78 -15.02
C LYS A 104 -23.51 22.59 -15.38
N PHE A 105 -22.66 22.34 -14.38
CA PHE A 105 -21.26 22.03 -14.66
C PHE A 105 -21.14 20.81 -15.58
N VAL A 106 -21.97 19.78 -15.35
CA VAL A 106 -21.89 18.58 -16.16
C VAL A 106 -22.30 18.89 -17.59
N SER A 107 -23.32 19.72 -17.76
CA SER A 107 -23.70 20.08 -19.12
C SER A 107 -22.60 20.88 -19.79
N PHE A 108 -21.88 21.70 -19.01
CA PHE A 108 -20.77 22.46 -19.57
C PHE A 108 -19.63 21.57 -20.03
N LEU A 109 -19.50 20.39 -19.42
CA LEU A 109 -18.48 19.46 -19.90
C LEU A 109 -18.67 19.12 -21.38
N GLY A 110 -19.89 19.23 -21.89
CA GLY A 110 -20.21 18.87 -23.26
C GLY A 110 -20.16 19.98 -24.28
N LYS A 111 -19.76 21.20 -23.90
CA LYS A 111 -19.80 22.34 -24.82
C LYS A 111 -18.46 22.41 -25.55
N THR A 112 -18.38 21.64 -26.64
CA THR A 112 -17.14 21.53 -27.39
C THR A 112 -16.71 22.86 -28.00
N ASP A 113 -17.66 23.71 -28.39
CA ASP A 113 -17.31 24.98 -29.02
C ASP A 113 -16.82 26.02 -28.02
N CYS A 114 -16.82 25.71 -26.72
CA CYS A 114 -16.29 26.59 -25.68
C CYS A 114 -15.41 25.75 -24.75
N SER A 115 -14.22 25.41 -25.25
CA SER A 115 -13.29 24.64 -24.45
C SER A 115 -12.96 25.28 -23.10
N PRO A 116 -12.91 26.61 -22.97
CA PRO A 116 -12.66 27.18 -21.63
C PRO A 116 -13.69 26.77 -20.60
N ILE A 117 -14.96 26.68 -20.96
CA ILE A 117 -15.95 26.35 -19.95
C ILE A 117 -15.93 24.85 -19.67
N GLN A 118 -15.54 24.04 -20.65
CA GLN A 118 -15.27 22.63 -20.38
C GLN A 118 -14.20 22.47 -19.32
N PHE A 119 -13.06 23.15 -19.51
CA PHE A 119 -11.98 23.09 -18.55
C PHE A 119 -12.42 23.56 -17.17
N GLU A 120 -13.03 24.75 -17.10
CA GLU A 120 -13.41 25.32 -15.82
C GLU A 120 -14.40 24.43 -15.08
N SER A 121 -15.35 23.85 -15.81
CA SER A 121 -16.32 23.00 -15.12
C SER A 121 -15.68 21.68 -14.71
N ALA A 122 -14.76 21.16 -15.54
CA ALA A 122 -14.04 19.95 -15.17
C ALA A 122 -13.26 20.16 -13.88
N TRP A 123 -12.64 21.33 -13.74
CA TRP A 123 -11.85 21.63 -12.55
C TRP A 123 -12.75 21.79 -11.34
N ALA A 124 -13.84 22.54 -11.49
CA ALA A 124 -14.81 22.68 -10.41
C ALA A 124 -15.30 21.32 -9.93
N LEU A 125 -15.68 20.45 -10.87
CA LEU A 125 -16.20 19.15 -10.50
C LEU A 125 -15.11 18.27 -9.90
N THR A 126 -13.89 18.38 -10.42
CA THR A 126 -12.77 17.67 -9.83
C THR A 126 -12.67 17.98 -8.35
N ASN A 127 -12.81 19.25 -8.00
CA ASN A 127 -12.61 19.63 -6.61
C ASN A 127 -13.82 19.32 -5.76
N ILE A 128 -15.02 19.33 -6.34
CA ILE A 128 -16.18 18.80 -5.62
C ILE A 128 -15.96 17.32 -5.32
N ALA A 129 -15.53 16.57 -6.32
CA ALA A 129 -15.31 15.13 -6.16
C ALA A 129 -14.12 14.82 -5.26
N SER A 130 -13.27 15.82 -4.99
CA SER A 130 -12.16 15.62 -4.07
C SER A 130 -12.62 15.54 -2.62
N GLY A 131 -13.87 15.85 -2.33
CA GLY A 131 -14.31 15.94 -0.95
C GLY A 131 -14.77 14.62 -0.36
N THR A 132 -15.80 14.70 0.50
CA THR A 132 -16.35 13.53 1.15
C THR A 132 -17.00 12.60 0.14
N SER A 133 -17.35 11.40 0.62
CA SER A 133 -18.09 10.46 -0.21
C SER A 133 -19.40 11.06 -0.70
N GLU A 134 -20.13 11.77 0.18
CA GLU A 134 -21.37 12.43 -0.25
C GLU A 134 -21.12 13.42 -1.39
N GLN A 135 -20.00 14.15 -1.35
CA GLN A 135 -19.74 15.15 -2.38
C GLN A 135 -19.33 14.49 -3.69
N THR A 136 -18.46 13.48 -3.63
CA THR A 136 -18.17 12.69 -4.83
C THR A 136 -19.46 12.11 -5.40
N LYS A 137 -20.31 11.56 -4.52
CA LYS A 137 -21.57 10.98 -4.98
C LYS A 137 -22.43 12.02 -5.67
N ALA A 138 -22.39 13.27 -5.19
CA ALA A 138 -23.16 14.33 -5.85
C ALA A 138 -22.66 14.53 -7.26
N VAL A 139 -21.34 14.47 -7.44
CA VAL A 139 -20.77 14.61 -8.78
C VAL A 139 -21.18 13.46 -9.68
N VAL A 140 -21.06 12.23 -9.19
CA VAL A 140 -21.49 11.06 -9.97
C VAL A 140 -22.98 11.14 -10.30
N ASP A 141 -23.80 11.48 -9.31
CA ASP A 141 -25.24 11.53 -9.49
C ASP A 141 -25.65 12.53 -10.57
N GLY A 142 -24.82 13.53 -10.84
CA GLY A 142 -25.07 14.45 -11.93
C GLY A 142 -24.74 13.94 -13.32
N GLY A 143 -24.33 12.67 -13.46
CA GLY A 143 -23.93 12.17 -14.76
C GLY A 143 -22.52 12.53 -15.17
N ALA A 144 -21.67 12.88 -14.20
CA ALA A 144 -20.33 13.37 -14.53
C ALA A 144 -19.44 12.32 -15.16
N ILE A 145 -19.62 11.05 -14.79
CA ILE A 145 -18.65 10.02 -15.19
C ILE A 145 -18.58 9.93 -16.71
N PRO A 146 -19.70 9.72 -17.40
CA PRO A 146 -19.62 9.62 -18.87
C PRO A 146 -19.14 10.89 -19.53
N ALA A 147 -19.46 12.05 -18.96
CA ALA A 147 -19.00 13.30 -19.56
C ALA A 147 -17.49 13.43 -19.47
N PHE A 148 -16.91 13.01 -18.34
CA PHE A 148 -15.46 13.06 -18.20
C PHE A 148 -14.79 12.06 -19.14
N ILE A 149 -15.40 10.90 -19.30
CA ILE A 149 -14.80 9.91 -20.19
C ILE A 149 -14.81 10.46 -21.62
N SER A 150 -15.88 11.15 -22.00
CA SER A 150 -15.90 11.74 -23.32
C SER A 150 -14.84 12.83 -23.44
N LEU A 151 -14.51 13.49 -22.32
CA LEU A 151 -13.48 14.51 -22.36
C LEU A 151 -12.07 13.94 -22.40
N LEU A 152 -11.91 12.65 -22.11
CA LEU A 152 -10.57 12.07 -22.20
C LEU A 152 -9.97 12.22 -23.60
N ALA A 153 -10.79 12.26 -24.63
CA ALA A 153 -10.30 12.38 -26.00
C ALA A 153 -10.23 13.84 -26.47
N SER A 154 -10.42 14.79 -25.58
CA SER A 154 -10.39 16.19 -25.99
C SER A 154 -9.05 16.50 -26.66
N PRO A 155 -9.05 17.24 -27.77
CA PRO A 155 -7.78 17.67 -28.38
C PRO A 155 -6.99 18.66 -27.51
N HIS A 156 -7.58 19.16 -26.44
CA HIS A 156 -6.90 20.06 -25.54
C HIS A 156 -6.38 19.26 -24.35
N ALA A 157 -5.06 19.20 -24.20
CA ALA A 157 -4.45 18.32 -23.21
C ALA A 157 -4.81 18.72 -21.79
N HIS A 158 -4.92 20.03 -21.50
CA HIS A 158 -5.25 20.43 -20.13
C HIS A 158 -6.66 19.97 -19.76
N ILE A 159 -7.55 19.86 -20.75
CA ILE A 159 -8.92 19.42 -20.47
C ILE A 159 -8.97 17.91 -20.25
N SER A 160 -8.32 17.15 -21.15
CA SER A 160 -8.22 15.71 -20.94
C SER A 160 -7.59 15.43 -19.58
N GLU A 161 -6.54 16.18 -19.23
CA GLU A 161 -5.87 15.94 -17.97
C GLU A 161 -6.84 16.19 -16.82
N GLN A 162 -7.67 17.22 -16.94
CA GLN A 162 -8.62 17.51 -15.88
C GLN A 162 -9.65 16.39 -15.77
N ALA A 163 -10.05 15.82 -16.90
CA ALA A 163 -10.98 14.68 -16.84
C ALA A 163 -10.33 13.47 -16.20
N VAL A 164 -9.06 13.22 -16.50
CA VAL A 164 -8.32 12.14 -15.87
C VAL A 164 -8.33 12.31 -14.35
N TRP A 165 -7.98 13.51 -13.91
CA TRP A 165 -7.95 13.81 -12.48
C TRP A 165 -9.32 13.59 -11.84
N ALA A 166 -10.37 14.12 -12.47
CA ALA A 166 -11.70 13.99 -11.90
C ALA A 166 -12.08 12.53 -11.75
N LEU A 167 -11.78 11.73 -12.78
CA LEU A 167 -12.12 10.32 -12.73
C LEU A 167 -11.30 9.62 -11.68
N GLY A 168 -10.08 10.09 -11.43
CA GLY A 168 -9.30 9.52 -10.35
C GLY A 168 -9.91 9.80 -8.99
N ASN A 169 -10.44 11.00 -8.78
CA ASN A 169 -11.12 11.28 -7.51
C ASN A 169 -12.37 10.43 -7.33
N ILE A 170 -13.11 10.26 -8.42
CA ILE A 170 -14.31 9.44 -8.34
C ILE A 170 -13.94 8.01 -8.03
N ALA A 171 -12.98 7.45 -8.76
CA ALA A 171 -12.55 6.08 -8.50
C ALA A 171 -11.97 5.96 -7.11
N GLY A 172 -11.32 7.03 -6.62
CA GLY A 172 -10.71 6.99 -5.31
C GLY A 172 -11.69 7.01 -4.18
N ASP A 173 -12.97 7.22 -4.47
CA ASP A 173 -13.93 7.16 -3.38
C ASP A 173 -14.05 5.74 -2.80
N GLY A 174 -13.86 4.72 -3.62
CA GLY A 174 -13.97 3.36 -3.14
C GLY A 174 -14.38 2.40 -4.24
N SER A 175 -14.62 1.16 -3.83
CA SER A 175 -14.76 0.06 -4.79
C SER A 175 -15.94 0.27 -5.73
N ALA A 176 -17.08 0.69 -5.18
CA ALA A 176 -18.28 0.82 -6.01
C ALA A 176 -18.07 1.85 -7.12
N PHE A 177 -17.63 3.05 -6.76
CA PHE A 177 -17.46 4.09 -7.78
C PHE A 177 -16.31 3.74 -8.71
N ARG A 178 -15.24 3.13 -8.19
CA ARG A 178 -14.17 2.63 -9.05
C ARG A 178 -14.72 1.75 -10.16
N ASP A 179 -15.54 0.76 -9.76
CA ASP A 179 -16.06 -0.19 -10.73
C ASP A 179 -17.06 0.47 -11.66
N LEU A 180 -17.78 1.49 -11.17
CA LEU A 180 -18.71 2.20 -12.04
C LEU A 180 -17.95 3.01 -13.09
N VAL A 181 -16.86 3.65 -12.69
CA VAL A 181 -16.00 4.32 -13.66
C VAL A 181 -15.52 3.33 -14.70
N ILE A 182 -15.15 2.12 -14.27
CA ILE A 182 -14.68 1.11 -15.20
C ILE A 182 -15.79 0.70 -16.16
N LYS A 183 -17.00 0.48 -15.63
CA LYS A 183 -18.10 0.03 -16.47
C LYS A 183 -18.46 1.06 -17.55
N HIS A 184 -18.36 2.35 -17.22
CA HIS A 184 -18.57 3.40 -18.20
C HIS A 184 -17.47 3.45 -19.26
N GLY A 185 -16.42 2.62 -19.15
CA GLY A 185 -15.44 2.51 -20.21
C GLY A 185 -14.25 3.44 -20.12
N ALA A 186 -13.82 3.81 -18.92
CA ALA A 186 -12.75 4.79 -18.80
C ALA A 186 -11.38 4.24 -19.16
N ILE A 187 -11.19 2.92 -19.05
CA ILE A 187 -9.84 2.36 -19.16
C ILE A 187 -9.31 2.51 -20.57
N ASP A 188 -10.11 2.18 -21.56
CA ASP A 188 -9.65 2.25 -22.94
C ASP A 188 -9.10 3.65 -23.24
N PRO A 189 -9.89 4.70 -23.09
CA PRO A 189 -9.36 6.04 -23.40
C PRO A 189 -8.22 6.46 -22.48
N LEU A 190 -8.23 6.07 -21.20
CA LEU A 190 -7.09 6.42 -20.35
C LEU A 190 -5.81 5.80 -20.91
N LEU A 191 -5.83 4.51 -21.21
CA LEU A 191 -4.64 3.86 -21.71
C LEU A 191 -4.27 4.36 -23.10
N ALA A 192 -5.26 4.76 -23.90
CA ALA A 192 -4.95 5.32 -25.20
C ALA A 192 -4.13 6.60 -25.04
N LEU A 193 -4.38 7.33 -23.95
CA LEU A 193 -3.57 8.52 -23.70
C LEU A 193 -2.10 8.19 -23.49
N LEU A 194 -1.79 6.97 -23.05
CA LEU A 194 -0.42 6.56 -22.77
C LEU A 194 0.18 5.72 -23.88
N ALA A 195 -0.55 5.50 -24.98
CA ALA A 195 -0.07 4.68 -26.08
C ALA A 195 0.83 5.54 -26.98
N VAL A 196 2.04 5.79 -26.48
CA VAL A 196 3.06 6.56 -27.19
C VAL A 196 4.36 5.75 -27.20
N PRO A 197 5.23 5.94 -28.19
CA PRO A 197 6.49 5.17 -28.17
C PRO A 197 7.31 5.40 -26.91
N ASP A 198 7.39 6.64 -26.43
CA ASP A 198 8.20 6.96 -25.26
C ASP A 198 7.38 7.88 -24.36
N LEU A 199 7.16 7.43 -23.13
CA LEU A 199 6.43 8.24 -22.16
C LEU A 199 7.06 9.61 -21.95
N SER A 200 8.34 9.76 -22.24
CA SER A 200 8.99 11.04 -21.98
C SER A 200 8.47 12.17 -22.85
N THR A 201 7.73 11.88 -23.92
CA THR A 201 7.19 12.96 -24.72
C THR A 201 5.94 13.57 -24.11
N LEU A 202 5.36 12.91 -23.12
CA LEU A 202 4.22 13.46 -22.40
C LEU A 202 4.71 14.40 -21.30
N ALA A 203 3.87 15.38 -20.98
CA ALA A 203 4.19 16.33 -19.92
C ALA A 203 4.24 15.63 -18.57
N CYS A 204 5.19 16.05 -17.74
CA CYS A 204 5.40 15.41 -16.44
C CYS A 204 4.11 15.36 -15.63
N GLY A 205 3.41 16.50 -15.54
CA GLY A 205 2.18 16.54 -14.75
C GLY A 205 1.06 15.71 -15.35
N TYR A 206 0.95 15.73 -16.68
CA TYR A 206 -0.03 14.89 -17.35
C TYR A 206 0.19 13.42 -17.01
N LEU A 207 1.44 12.98 -17.13
CA LEU A 207 1.77 11.59 -16.86
C LEU A 207 1.54 11.24 -15.40
N ARG A 208 1.88 12.17 -14.49
CA ARG A 208 1.69 11.90 -13.08
C ARG A 208 0.22 11.75 -12.74
N ASN A 209 -0.63 12.56 -13.38
CA ASN A 209 -2.05 12.44 -13.10
C ASN A 209 -2.62 11.16 -13.70
N LEU A 210 -2.21 10.81 -14.91
CA LEU A 210 -2.65 9.55 -15.50
C LEU A 210 -2.25 8.37 -14.62
N THR A 211 -1.03 8.41 -14.07
CA THR A 211 -0.58 7.30 -13.24
C THR A 211 -1.35 7.24 -11.94
N TRP A 212 -1.57 8.39 -11.30
CA TRP A 212 -2.35 8.41 -10.06
C TRP A 212 -3.78 7.91 -10.27
N THR A 213 -4.40 8.32 -11.37
CA THR A 213 -5.77 7.85 -11.64
C THR A 213 -5.76 6.34 -11.86
N LEU A 214 -4.83 5.84 -12.68
CA LEU A 214 -4.72 4.40 -12.86
C LEU A 214 -4.49 3.69 -11.53
N SER A 215 -3.68 4.29 -10.64
CA SER A 215 -3.45 3.65 -9.35
C SER A 215 -4.76 3.55 -8.59
N ASN A 216 -5.64 4.55 -8.71
CA ASN A 216 -6.92 4.45 -8.01
C ASN A 216 -7.83 3.39 -8.65
N LEU A 217 -7.69 3.16 -9.96
CA LEU A 217 -8.48 2.08 -10.56
C LEU A 217 -7.96 0.71 -10.14
N CYS A 218 -6.73 0.64 -9.62
CA CYS A 218 -6.16 -0.59 -9.08
C CYS A 218 -6.38 -0.74 -7.57
N ARG A 219 -6.84 0.30 -6.90
CA ARG A 219 -6.91 0.37 -5.45
C ARG A 219 -8.27 -0.12 -4.95
N ASN A 220 -8.30 -0.43 -3.65
CA ASN A 220 -9.52 -0.80 -2.92
C ASN A 220 -9.84 -2.28 -3.07
N LYS A 221 -10.49 -2.83 -2.05
CA LYS A 221 -10.85 -4.24 -1.99
C LYS A 221 -12.29 -4.35 -1.50
N ASN A 222 -12.79 -5.57 -1.42
CA ASN A 222 -14.18 -5.83 -1.00
C ASN A 222 -15.13 -4.99 -1.84
N PRO A 223 -15.17 -5.21 -3.16
CA PRO A 223 -14.38 -6.17 -3.94
C PRO A 223 -13.09 -5.56 -4.48
N ALA A 224 -12.16 -6.41 -4.92
CA ALA A 224 -11.02 -5.96 -5.69
C ALA A 224 -11.45 -5.60 -7.11
N PRO A 225 -10.61 -4.88 -7.84
CA PRO A 225 -10.96 -4.45 -9.19
C PRO A 225 -11.25 -5.65 -10.08
N PRO A 226 -12.06 -5.47 -11.12
CA PRO A 226 -12.35 -6.59 -12.03
C PRO A 226 -11.07 -7.15 -12.64
N LEU A 227 -10.97 -8.48 -12.65
CA LEU A 227 -9.77 -9.14 -13.17
C LEU A 227 -9.45 -8.66 -14.59
N ASP A 228 -10.46 -8.53 -15.43
CA ASP A 228 -10.22 -8.10 -16.81
C ASP A 228 -9.70 -6.68 -16.86
N ALA A 229 -10.16 -5.82 -15.96
CA ALA A 229 -9.63 -4.46 -15.90
C ALA A 229 -8.16 -4.47 -15.51
N VAL A 230 -7.82 -5.25 -14.48
CA VAL A 230 -6.42 -5.37 -14.07
C VAL A 230 -5.56 -5.82 -15.24
N GLU A 231 -6.01 -6.86 -15.95
CA GLU A 231 -5.21 -7.38 -17.05
C GLU A 231 -5.06 -6.33 -18.15
N GLN A 232 -6.11 -5.53 -18.37
CA GLN A 232 -6.05 -4.47 -19.37
C GLN A 232 -5.10 -3.37 -18.96
N ILE A 233 -4.99 -3.11 -17.66
CA ILE A 233 -4.17 -2.01 -17.17
C ILE A 233 -2.70 -2.41 -17.03
N LEU A 234 -2.43 -3.68 -16.74
CA LEU A 234 -1.09 -4.07 -16.28
C LEU A 234 0.02 -3.70 -17.26
N PRO A 235 -0.08 -3.97 -18.55
CA PRO A 235 1.06 -3.66 -19.44
C PRO A 235 1.45 -2.18 -19.39
N THR A 236 0.45 -1.30 -19.32
CA THR A 236 0.75 0.11 -19.19
C THR A 236 1.36 0.39 -17.82
N LEU A 237 0.82 -0.25 -16.78
CA LEU A 237 1.35 -0.04 -15.45
C LEU A 237 2.81 -0.44 -15.36
N VAL A 238 3.18 -1.58 -15.95
CA VAL A 238 4.58 -2.02 -15.95
C VAL A 238 5.45 -1.04 -16.74
N ARG A 239 4.91 -0.47 -17.81
CA ARG A 239 5.68 0.52 -18.55
C ARG A 239 5.93 1.76 -17.72
N LEU A 240 4.93 2.18 -16.94
CA LEU A 240 5.12 3.30 -16.02
C LEU A 240 6.09 2.94 -14.91
N LEU A 241 6.07 1.69 -14.46
CA LEU A 241 6.96 1.25 -13.41
C LEU A 241 8.42 1.32 -13.84
N HIS A 242 8.67 1.41 -15.14
CA HIS A 242 10.03 1.59 -15.62
C HIS A 242 10.36 3.03 -16.02
N HIS A 243 9.44 3.95 -15.81
CA HIS A 243 9.67 5.35 -16.11
C HIS A 243 10.57 6.01 -15.06
N ASN A 244 11.19 7.13 -15.42
CA ASN A 244 12.24 7.75 -14.61
C ASN A 244 11.73 8.84 -13.66
N ASP A 245 10.45 9.11 -13.61
CA ASP A 245 9.97 10.18 -12.73
C ASP A 245 9.63 9.61 -11.36
N PRO A 246 10.16 10.18 -10.27
CA PRO A 246 9.93 9.58 -8.94
C PRO A 246 8.46 9.48 -8.56
N GLU A 247 7.61 10.43 -8.95
CA GLU A 247 6.21 10.34 -8.58
C GLU A 247 5.49 9.28 -9.41
N VAL A 248 5.87 9.15 -10.67
CA VAL A 248 5.28 8.08 -11.49
C VAL A 248 5.68 6.73 -10.93
N LEU A 249 6.94 6.58 -10.54
CA LEU A 249 7.39 5.32 -9.97
C LEU A 249 6.66 5.03 -8.66
N ALA A 250 6.48 6.04 -7.83
CA ALA A 250 5.84 5.81 -6.53
C ALA A 250 4.39 5.39 -6.73
N ASP A 251 3.66 6.07 -7.60
CA ASP A 251 2.25 5.72 -7.78
C ASP A 251 2.10 4.39 -8.51
N SER A 252 3.00 4.09 -9.44
CA SER A 252 3.01 2.76 -10.06
C SER A 252 3.26 1.68 -9.02
N CYS A 253 4.24 1.87 -8.14
CA CYS A 253 4.50 0.91 -7.08
C CYS A 253 3.29 0.77 -6.18
N TRP A 254 2.63 1.87 -5.84
CA TRP A 254 1.42 1.77 -5.03
C TRP A 254 0.37 0.95 -5.76
N ALA A 255 0.19 1.19 -7.06
CA ALA A 255 -0.78 0.43 -7.84
C ALA A 255 -0.46 -1.07 -7.79
N ILE A 256 0.81 -1.41 -7.99
CA ILE A 256 1.24 -2.80 -7.94
C ILE A 256 1.02 -3.38 -6.55
N SER A 257 1.31 -2.60 -5.50
CA SER A 257 1.06 -3.05 -4.14
C SER A 257 -0.43 -3.34 -3.94
N TYR A 258 -1.31 -2.51 -4.52
CA TYR A 258 -2.74 -2.77 -4.37
C TYR A 258 -3.10 -4.06 -5.07
N LEU A 259 -2.56 -4.27 -6.28
CA LEU A 259 -2.89 -5.45 -7.05
C LEU A 259 -2.36 -6.73 -6.40
N THR A 260 -1.26 -6.63 -5.64
CA THR A 260 -0.70 -7.80 -4.98
C THR A 260 -1.27 -8.02 -3.59
N ASP A 261 -2.15 -7.12 -3.13
CA ASP A 261 -2.78 -7.23 -1.82
C ASP A 261 -4.04 -8.06 -1.99
N GLY A 262 -3.87 -9.39 -1.94
CA GLY A 262 -4.99 -10.28 -2.12
C GLY A 262 -4.58 -11.72 -2.31
N PRO A 263 -5.49 -12.54 -2.84
CA PRO A 263 -5.21 -13.97 -3.01
C PRO A 263 -4.07 -14.21 -4.01
N ASN A 264 -3.55 -15.43 -3.98
CA ASN A 264 -2.40 -15.79 -4.79
C ASN A 264 -2.62 -15.58 -6.28
N GLU A 265 -3.86 -15.68 -6.75
CA GLU A 265 -4.14 -15.45 -8.17
C GLU A 265 -3.85 -14.02 -8.61
N ARG A 266 -4.16 -13.03 -7.76
CA ARG A 266 -3.79 -11.66 -8.10
C ARG A 266 -2.29 -11.45 -8.08
N ILE A 267 -1.64 -12.02 -7.07
CA ILE A 267 -0.19 -11.97 -7.03
C ILE A 267 0.36 -12.55 -8.32
N GLU A 268 -0.19 -13.68 -8.76
CA GLU A 268 0.33 -14.35 -9.95
C GLU A 268 0.14 -13.47 -11.17
N MET A 269 -1.02 -12.81 -11.28
CA MET A 269 -1.23 -11.89 -12.39
C MET A 269 -0.12 -10.89 -12.47
N VAL A 270 0.32 -10.38 -11.32
CA VAL A 270 1.35 -9.34 -11.32
C VAL A 270 2.73 -9.93 -11.59
N VAL A 271 3.07 -11.00 -10.87
CA VAL A 271 4.40 -11.59 -10.98
C VAL A 271 4.66 -12.10 -12.39
N LYS A 272 3.62 -12.63 -13.05
CA LYS A 272 3.76 -13.10 -14.42
C LYS A 272 4.21 -11.99 -15.36
N LYS A 273 3.92 -10.72 -15.03
CA LYS A 273 4.35 -9.62 -15.88
C LYS A 273 5.83 -9.28 -15.73
N GLY A 274 6.55 -9.98 -14.83
CA GLY A 274 7.98 -9.78 -14.72
C GLY A 274 8.40 -8.52 -14.00
N VAL A 275 7.53 -7.95 -13.16
CA VAL A 275 7.84 -6.71 -12.47
C VAL A 275 8.68 -6.89 -11.22
N VAL A 276 8.90 -8.13 -10.76
CA VAL A 276 9.59 -8.34 -9.48
C VAL A 276 11.01 -7.79 -9.51
N PRO A 277 11.83 -8.04 -10.53
CA PRO A 277 13.17 -7.42 -10.57
C PRO A 277 13.10 -5.90 -10.44
N GLN A 278 12.16 -5.28 -11.15
CA GLN A 278 12.03 -3.82 -11.08
C GLN A 278 11.60 -3.40 -9.67
N LEU A 279 10.70 -4.16 -9.04
CA LEU A 279 10.34 -3.85 -7.67
C LEU A 279 11.54 -3.92 -6.75
N VAL A 280 12.42 -4.91 -6.93
CA VAL A 280 13.60 -5.02 -6.05
C VAL A 280 14.56 -3.85 -6.28
N LYS A 281 14.75 -3.48 -7.55
CA LYS A 281 15.53 -2.29 -7.87
C LYS A 281 14.95 -1.07 -7.15
N LEU A 282 13.63 -0.87 -7.25
CA LEU A 282 13.04 0.30 -6.58
C LEU A 282 13.11 0.15 -5.06
N LEU A 283 13.10 -1.09 -4.56
CA LEU A 283 13.29 -1.34 -3.14
C LEU A 283 14.61 -0.78 -2.66
N GLY A 284 15.59 -0.68 -3.56
CA GLY A 284 16.85 -0.10 -3.14
C GLY A 284 16.97 1.37 -3.47
N ALA A 285 15.84 2.03 -3.74
CA ALA A 285 15.86 3.43 -4.10
C ALA A 285 16.19 4.30 -2.89
N THR A 286 16.60 5.54 -3.18
CA THR A 286 16.87 6.49 -2.12
C THR A 286 15.60 7.22 -1.68
N GLU A 287 14.64 7.40 -2.58
CA GLU A 287 13.42 8.12 -2.27
C GLU A 287 12.51 7.22 -1.44
N LEU A 288 12.31 7.58 -0.18
CA LEU A 288 11.37 6.87 0.67
C LEU A 288 10.00 6.69 0.05
N PRO A 289 9.42 7.68 -0.65
CA PRO A 289 8.11 7.47 -1.29
C PRO A 289 8.13 6.39 -2.35
N ILE A 290 9.31 5.95 -2.80
CA ILE A 290 9.40 4.81 -3.70
C ILE A 290 9.67 3.52 -2.94
N VAL A 291 10.58 3.56 -1.98
CA VAL A 291 10.88 2.37 -1.19
C VAL A 291 9.62 1.85 -0.51
N THR A 292 8.82 2.76 0.05
CA THR A 292 7.68 2.32 0.84
C THR A 292 6.72 1.48 0.02
N PRO A 293 6.21 1.94 -1.12
CA PRO A 293 5.32 1.08 -1.91
C PRO A 293 6.05 -0.12 -2.50
N ALA A 294 7.32 0.01 -2.86
CA ALA A 294 8.04 -1.13 -3.39
C ALA A 294 8.15 -2.23 -2.34
N LEU A 295 8.45 -1.84 -1.09
CA LEU A 295 8.50 -2.81 0.00
C LEU A 295 7.12 -3.41 0.27
N ARG A 296 6.08 -2.59 0.26
CA ARG A 296 4.73 -3.11 0.45
C ARG A 296 4.41 -4.17 -0.61
N ALA A 297 4.74 -3.87 -1.87
CA ALA A 297 4.48 -4.81 -2.96
C ALA A 297 5.25 -6.11 -2.75
N ILE A 298 6.54 -6.01 -2.40
CA ILE A 298 7.33 -7.21 -2.17
C ILE A 298 6.75 -8.02 -1.01
N GLY A 299 6.36 -7.35 0.08
CA GLY A 299 5.74 -8.06 1.20
C GLY A 299 4.48 -8.78 0.78
N ASN A 300 3.65 -8.12 -0.01
CA ASN A 300 2.44 -8.76 -0.50
C ASN A 300 2.80 -9.99 -1.30
N ILE A 301 3.77 -9.86 -2.21
CA ILE A 301 4.09 -10.98 -3.08
C ILE A 301 4.56 -12.17 -2.26
N VAL A 302 5.36 -11.92 -1.21
CA VAL A 302 5.86 -13.04 -0.41
C VAL A 302 4.80 -13.57 0.56
N THR A 303 3.63 -12.95 0.64
CA THR A 303 2.54 -13.64 1.34
C THR A 303 1.89 -14.73 0.49
N GLY A 304 2.28 -14.85 -0.79
CA GLY A 304 1.71 -15.83 -1.69
C GLY A 304 2.38 -17.19 -1.61
N THR A 305 2.58 -17.85 -2.75
CA THR A 305 3.17 -19.18 -2.71
C THR A 305 4.68 -19.09 -2.59
N ASP A 306 5.27 -20.24 -2.23
CA ASP A 306 6.72 -20.36 -2.14
C ASP A 306 7.39 -20.05 -3.47
N GLU A 307 6.76 -20.39 -4.59
CA GLU A 307 7.32 -20.05 -5.90
C GLU A 307 7.37 -18.54 -6.11
N GLN A 308 6.27 -17.84 -5.83
CA GLN A 308 6.28 -16.39 -5.90
C GLN A 308 7.34 -15.78 -4.96
N THR A 309 7.41 -16.31 -3.74
CA THR A 309 8.44 -15.83 -2.82
C THR A 309 9.82 -16.06 -3.41
N GLN A 310 10.02 -17.20 -4.05
CA GLN A 310 11.32 -17.49 -4.63
C GLN A 310 11.66 -16.52 -5.75
N LYS A 311 10.66 -16.12 -6.53
CA LYS A 311 10.90 -15.10 -7.55
C LYS A 311 11.44 -13.83 -6.91
N VAL A 312 10.90 -13.48 -5.74
CA VAL A 312 11.41 -12.29 -5.05
C VAL A 312 12.84 -12.49 -4.59
N ILE A 313 13.15 -13.65 -4.00
CA ILE A 313 14.52 -13.93 -3.56
C ILE A 313 15.49 -13.90 -4.74
N ASP A 314 15.12 -14.58 -5.84
CA ASP A 314 16.00 -14.68 -6.99
C ASP A 314 16.27 -13.32 -7.58
N ALA A 315 15.33 -12.39 -7.45
CA ALA A 315 15.54 -11.05 -7.95
C ALA A 315 16.54 -10.27 -7.12
N GLY A 316 17.01 -10.82 -6.01
CA GLY A 316 18.02 -10.21 -5.18
C GLY A 316 17.49 -9.43 -3.99
N ALA A 317 16.22 -9.62 -3.63
CA ALA A 317 15.59 -8.77 -2.61
C ALA A 317 16.31 -8.85 -1.27
N LEU A 318 16.79 -10.03 -0.89
CA LEU A 318 17.31 -10.18 0.45
C LEU A 318 18.51 -9.29 0.69
N ALA A 319 19.27 -8.98 -0.37
CA ALA A 319 20.44 -8.13 -0.23
C ALA A 319 20.08 -6.72 0.18
N VAL A 320 18.83 -6.30 -0.03
CA VAL A 320 18.43 -4.97 0.39
C VAL A 320 18.00 -4.93 1.84
N PHE A 321 17.82 -6.08 2.48
CA PHE A 321 17.23 -6.09 3.81
C PHE A 321 18.17 -5.72 4.94
N PRO A 322 19.50 -5.83 4.78
CA PRO A 322 20.37 -5.19 5.77
C PRO A 322 20.00 -3.74 5.98
N SER A 323 19.75 -2.99 4.90
CA SER A 323 19.38 -1.60 5.04
C SER A 323 17.96 -1.45 5.56
N LEU A 324 17.04 -2.25 5.03
CA LEU A 324 15.64 -2.10 5.40
C LEU A 324 15.42 -2.44 6.86
N LEU A 325 16.08 -3.48 7.36
CA LEU A 325 15.92 -3.86 8.76
C LEU A 325 16.62 -2.90 9.71
N THR A 326 17.47 -1.99 9.19
CA THR A 326 18.08 -0.95 10.02
C THR A 326 17.63 0.44 9.57
N ASN A 327 16.57 0.50 8.75
CA ASN A 327 16.14 1.76 8.16
C ASN A 327 15.62 2.67 9.26
N PRO A 328 16.03 3.94 9.28
CA PRO A 328 15.60 4.82 10.39
C PRO A 328 14.12 5.12 10.39
N LYS A 329 13.40 4.92 9.28
CA LYS A 329 11.95 5.08 9.27
C LYS A 329 11.33 3.84 9.89
N THR A 330 10.58 4.04 10.97
CA THR A 330 9.98 2.92 11.69
C THR A 330 9.16 2.04 10.76
N ASN A 331 8.34 2.64 9.90
CA ASN A 331 7.47 1.86 9.03
C ASN A 331 8.26 0.97 8.08
N ILE A 332 9.39 1.44 7.59
CA ILE A 332 10.22 0.58 6.74
C ILE A 332 10.69 -0.63 7.53
N GLN A 333 11.20 -0.39 8.75
CA GLN A 333 11.66 -1.50 9.57
C GLN A 333 10.54 -2.49 9.85
N LYS A 334 9.36 -1.97 10.20
CA LYS A 334 8.23 -2.85 10.48
C LYS A 334 7.86 -3.69 9.27
N GLU A 335 7.62 -3.05 8.13
CA GLU A 335 7.23 -3.77 6.93
C GLU A 335 8.32 -4.73 6.46
N ALA A 336 9.59 -4.34 6.61
CA ALA A 336 10.68 -5.24 6.24
C ALA A 336 10.72 -6.46 7.14
N THR A 337 10.47 -6.27 8.44
CA THR A 337 10.46 -7.42 9.34
C THR A 337 9.23 -8.30 9.11
N TRP A 338 8.09 -7.70 8.77
CA TRP A 338 6.91 -8.49 8.38
C TRP A 338 7.21 -9.33 7.13
N THR A 339 7.82 -8.71 6.12
CA THR A 339 8.24 -9.44 4.93
C THR A 339 9.18 -10.57 5.31
N MET A 340 10.12 -10.29 6.22
CA MET A 340 11.04 -11.33 6.67
C MET A 340 10.29 -12.47 7.33
N SER A 341 9.28 -12.15 8.15
CA SER A 341 8.52 -13.20 8.82
C SER A 341 7.81 -14.09 7.82
N ASN A 342 7.37 -13.51 6.70
CA ASN A 342 6.72 -14.33 5.69
C ASN A 342 7.74 -15.11 4.86
N ILE A 343 8.97 -14.64 4.79
CA ILE A 343 9.98 -15.43 4.11
C ILE A 343 10.44 -16.59 4.99
N THR A 344 10.60 -16.35 6.30
CA THR A 344 10.97 -17.43 7.19
C THR A 344 9.84 -18.42 7.41
N ALA A 345 8.63 -18.12 6.92
CA ALA A 345 7.54 -19.07 6.88
C ALA A 345 7.57 -19.93 5.62
N GLY A 346 8.57 -19.75 4.77
CA GLY A 346 8.68 -20.51 3.54
C GLY A 346 9.47 -21.79 3.69
N ARG A 347 10.04 -22.24 2.57
CA ARG A 347 10.80 -23.46 2.54
C ARG A 347 12.09 -23.35 3.36
N GLN A 348 12.66 -24.50 3.66
CA GLN A 348 13.94 -24.53 4.36
C GLN A 348 15.06 -23.94 3.51
N ASP A 349 15.04 -24.16 2.18
CA ASP A 349 16.04 -23.51 1.33
C ASP A 349 15.88 -22.00 1.32
N GLN A 350 14.66 -21.51 1.53
CA GLN A 350 14.45 -20.06 1.62
C GLN A 350 14.94 -19.52 2.95
N ILE A 351 14.62 -20.20 4.05
CA ILE A 351 15.26 -19.88 5.33
C ILE A 351 16.77 -19.86 5.14
N GLN A 352 17.29 -20.83 4.41
CA GLN A 352 18.73 -20.93 4.19
C GLN A 352 19.26 -19.71 3.46
N GLN A 353 18.49 -19.19 2.51
CA GLN A 353 18.95 -18.00 1.80
C GLN A 353 18.86 -16.76 2.69
N VAL A 354 17.91 -16.75 3.63
CA VAL A 354 17.89 -15.71 4.65
C VAL A 354 19.14 -15.78 5.51
N VAL A 355 19.53 -17.00 5.91
CA VAL A 355 20.77 -17.20 6.65
C VAL A 355 21.97 -16.73 5.83
N ASN A 356 22.04 -17.16 4.57
CA ASN A 356 23.21 -16.88 3.75
C ASN A 356 23.42 -15.39 3.59
N HIS A 357 22.34 -14.62 3.46
CA HIS A 357 22.45 -13.18 3.32
C HIS A 357 22.77 -12.49 4.64
N GLY A 358 22.82 -13.23 5.74
CA GLY A 358 23.23 -12.67 7.00
C GLY A 358 22.17 -11.87 7.70
N LEU A 359 20.90 -12.21 7.49
CA LEU A 359 19.79 -11.44 8.01
C LEU A 359 19.37 -11.87 9.42
N VAL A 360 19.88 -12.99 9.91
CA VAL A 360 19.49 -13.43 11.26
C VAL A 360 20.07 -12.45 12.27
N PRO A 361 21.33 -12.03 12.17
CA PRO A 361 21.80 -10.98 13.09
C PRO A 361 20.96 -9.72 13.02
N PHE A 362 20.43 -9.37 11.84
CA PHE A 362 19.55 -8.20 11.74
C PHE A 362 18.22 -8.44 12.44
N LEU A 363 17.69 -9.67 12.39
CA LEU A 363 16.49 -9.97 13.17
C LEU A 363 16.78 -9.95 14.66
N VAL A 364 17.96 -10.44 15.06
CA VAL A 364 18.36 -10.37 16.47
C VAL A 364 18.43 -8.91 16.90
N GLY A 365 18.96 -8.06 16.03
CA GLY A 365 19.04 -6.65 16.34
C GLY A 365 17.68 -6.01 16.50
N VAL A 366 16.77 -6.27 15.54
CA VAL A 366 15.41 -5.75 15.63
C VAL A 366 14.76 -6.21 16.92
N LEU A 367 14.89 -7.50 17.23
CA LEU A 367 14.33 -8.03 18.48
C LEU A 367 14.95 -7.35 19.69
N SER A 368 16.22 -6.96 19.60
CA SER A 368 16.92 -6.36 20.73
C SER A 368 16.49 -4.91 20.95
N LYS A 369 16.25 -4.17 19.87
CA LYS A 369 15.92 -2.75 19.97
C LYS A 369 15.18 -2.35 18.71
N ALA A 370 13.92 -1.93 18.86
CA ALA A 370 13.11 -1.39 17.79
C ALA A 370 11.76 -1.04 18.41
N ASP A 371 10.94 -0.30 17.66
CA ASP A 371 9.58 -0.06 18.09
C ASP A 371 8.90 -1.41 18.35
N PHE A 372 8.00 -1.42 19.34
CA PHE A 372 7.42 -2.69 19.77
C PHE A 372 6.73 -3.43 18.61
N LYS A 373 6.11 -2.70 17.68
CA LYS A 373 5.43 -3.40 16.59
C LYS A 373 6.41 -4.13 15.70
N THR A 374 7.57 -3.51 15.47
CA THR A 374 8.62 -4.19 14.73
C THR A 374 9.12 -5.40 15.52
N GLN A 375 9.29 -5.24 16.83
CA GLN A 375 9.72 -6.37 17.65
C GLN A 375 8.72 -7.52 17.58
N LYS A 376 7.43 -7.19 17.51
CA LYS A 376 6.42 -8.23 17.37
C LYS A 376 6.57 -8.96 16.03
N GLU A 377 6.80 -8.20 14.96
CA GLU A 377 7.08 -8.84 13.68
C GLU A 377 8.34 -9.70 13.74
N ALA A 378 9.38 -9.24 14.43
CA ALA A 378 10.60 -10.02 14.55
C ALA A 378 10.34 -11.31 15.32
N ALA A 379 9.54 -11.23 16.38
CA ALA A 379 9.17 -12.42 17.13
C ALA A 379 8.44 -13.41 16.21
N TRP A 380 7.55 -12.89 15.36
CA TRP A 380 6.87 -13.76 14.41
C TRP A 380 7.87 -14.40 13.45
N ALA A 381 8.85 -13.62 12.98
CA ALA A 381 9.84 -14.16 12.07
C ALA A 381 10.62 -15.27 12.73
N ILE A 382 10.90 -15.12 14.02
CA ILE A 382 11.65 -16.16 14.74
C ILE A 382 10.80 -17.40 14.95
N THR A 383 9.53 -17.23 15.33
CA THR A 383 8.68 -18.40 15.51
C THR A 383 8.51 -19.15 14.19
N ASN A 384 8.32 -18.42 13.08
CA ASN A 384 8.20 -19.08 11.78
C ASN A 384 9.49 -19.81 11.42
N TYR A 385 10.62 -19.14 11.62
CA TYR A 385 11.93 -19.75 11.41
C TYR A 385 12.03 -21.06 12.17
N THR A 386 11.72 -21.03 13.46
CA THR A 386 11.87 -22.23 14.30
C THR A 386 10.83 -23.29 14.02
N SER A 387 9.66 -22.92 13.49
CA SER A 387 8.67 -23.93 13.15
C SER A 387 9.04 -24.64 11.85
N GLY A 388 9.60 -23.91 10.88
CA GLY A 388 9.93 -24.50 9.59
C GLY A 388 11.39 -24.88 9.38
N GLY A 389 12.28 -24.44 10.28
CA GLY A 389 13.71 -24.58 10.05
C GLY A 389 14.26 -25.97 10.32
N THR A 390 15.48 -26.19 9.82
CA THR A 390 16.23 -27.38 10.19
C THR A 390 16.83 -27.20 11.58
N VAL A 391 17.28 -28.31 12.17
CA VAL A 391 17.94 -28.23 13.46
C VAL A 391 19.19 -27.36 13.37
N GLU A 392 19.95 -27.50 12.28
CA GLU A 392 21.16 -26.68 12.14
C GLU A 392 20.82 -25.21 12.02
N GLN A 393 19.76 -24.87 11.30
CA GLN A 393 19.33 -23.48 11.23
C GLN A 393 18.87 -22.98 12.57
N ILE A 394 18.19 -23.81 13.37
CA ILE A 394 17.70 -23.34 14.66
C ILE A 394 18.88 -23.09 15.60
N VAL A 395 19.86 -24.00 15.61
CA VAL A 395 21.01 -23.74 16.47
C VAL A 395 21.74 -22.50 16.00
N TYR A 396 21.89 -22.34 14.68
CA TYR A 396 22.52 -21.13 14.16
C TYR A 396 21.82 -19.89 14.68
N LEU A 397 20.48 -19.91 14.68
CA LEU A 397 19.71 -18.82 15.26
C LEU A 397 20.11 -18.55 16.70
N VAL A 398 20.29 -19.60 17.49
CA VAL A 398 20.68 -19.41 18.89
C VAL A 398 22.08 -18.83 19.00
N HIS A 399 23.01 -19.31 18.17
CA HIS A 399 24.37 -18.81 18.19
C HIS A 399 24.47 -17.35 17.78
N CYS A 400 23.45 -16.83 17.07
CA CYS A 400 23.41 -15.41 16.75
C CYS A 400 22.94 -14.56 17.92
N GLY A 401 22.51 -15.17 19.01
CA GLY A 401 22.11 -14.44 20.20
C GLY A 401 20.63 -14.14 20.32
N ILE A 402 19.77 -15.02 19.83
CA ILE A 402 18.33 -14.72 19.82
C ILE A 402 17.74 -14.84 21.22
N ILE A 403 18.34 -15.67 22.06
CA ILE A 403 17.68 -16.07 23.32
C ILE A 403 17.49 -14.87 24.23
N GLU A 404 18.57 -14.16 24.55
CA GLU A 404 18.45 -13.05 25.49
C GLU A 404 17.39 -12.04 25.06
N PRO A 405 17.42 -11.46 23.85
CA PRO A 405 16.38 -10.49 23.49
C PRO A 405 14.99 -11.09 23.42
N LEU A 406 14.86 -12.36 23.05
CA LEU A 406 13.55 -13.00 23.05
C LEU A 406 13.01 -13.08 24.48
N MET A 407 13.86 -13.50 25.41
CA MET A 407 13.44 -13.54 26.80
C MET A 407 13.10 -12.13 27.27
N ASN A 408 13.89 -11.13 26.86
CA ASN A 408 13.58 -9.79 27.30
C ASN A 408 12.21 -9.35 26.79
N LEU A 409 11.79 -9.89 25.64
CA LEU A 409 10.47 -9.54 25.12
C LEU A 409 9.37 -10.30 25.84
N LEU A 410 9.72 -11.31 26.63
CA LEU A 410 8.68 -11.99 27.40
C LEU A 410 8.14 -11.12 28.52
N SER A 411 8.76 -9.98 28.79
CA SER A 411 8.31 -9.05 29.84
C SER A 411 7.36 -8.00 29.27
N ALA A 412 6.72 -8.30 28.15
CA ALA A 412 5.77 -7.39 27.53
C ALA A 412 4.37 -7.71 28.04
N LYS A 413 3.50 -6.71 28.00
CA LYS A 413 2.13 -6.87 28.45
C LYS A 413 1.18 -7.27 27.32
N ASP A 414 1.72 -7.61 26.15
CA ASP A 414 0.94 -8.06 25.00
C ASP A 414 0.94 -9.58 24.96
N THR A 415 -0.25 -10.18 24.89
CA THR A 415 -0.36 -11.63 25.05
C THR A 415 0.07 -12.38 23.79
N LYS A 416 -0.25 -11.84 22.61
CA LYS A 416 0.12 -12.51 21.36
C LYS A 416 1.62 -12.74 21.28
N ILE A 417 2.41 -11.68 21.50
CA ILE A 417 3.85 -11.82 21.38
C ILE A 417 4.36 -12.83 22.40
N ILE A 418 3.77 -12.84 23.59
CA ILE A 418 4.17 -13.81 24.61
C ILE A 418 3.99 -15.23 24.09
N GLN A 419 2.81 -15.52 23.53
CA GLN A 419 2.54 -16.84 22.98
C GLN A 419 3.50 -17.18 21.83
N VAL A 420 3.75 -16.21 20.95
CA VAL A 420 4.66 -16.41 19.83
C VAL A 420 6.06 -16.77 20.35
N ILE A 421 6.52 -16.06 21.37
CA ILE A 421 7.86 -16.31 21.89
C ILE A 421 7.92 -17.68 22.55
N LEU A 422 6.89 -18.03 23.32
CA LEU A 422 6.89 -19.35 23.96
C LEU A 422 6.88 -20.47 22.93
N ASP A 423 6.16 -20.28 21.82
CA ASP A 423 6.20 -21.28 20.74
C ASP A 423 7.60 -21.37 20.15
N ALA A 424 8.24 -20.23 19.92
CA ALA A 424 9.61 -20.26 19.40
C ALA A 424 10.54 -20.98 20.37
N ILE A 425 10.48 -20.61 21.64
CA ILE A 425 11.30 -21.25 22.67
C ILE A 425 11.08 -22.75 22.67
N SER A 426 9.82 -23.18 22.60
CA SER A 426 9.52 -24.61 22.56
C SER A 426 10.17 -25.27 21.36
N ASN A 427 10.05 -24.64 20.19
CA ASN A 427 10.66 -25.19 18.99
C ASN A 427 12.17 -25.31 19.16
N ILE A 428 12.78 -24.32 19.81
CA ILE A 428 14.22 -24.37 20.03
C ILE A 428 14.56 -25.50 20.99
N PHE A 429 13.79 -25.66 22.05
CA PHE A 429 14.01 -26.76 22.97
C PHE A 429 13.87 -28.10 22.27
N GLN A 430 12.88 -28.22 21.37
CA GLN A 430 12.71 -29.46 20.62
C GLN A 430 13.95 -29.74 19.77
N ALA A 431 14.53 -28.67 19.22
CA ALA A 431 15.77 -28.84 18.47
C ALA A 431 16.88 -29.34 19.40
N ALA A 432 16.98 -28.75 20.59
CA ALA A 432 17.98 -29.18 21.54
C ALA A 432 17.77 -30.63 21.95
N GLU A 433 16.51 -31.04 22.15
CA GLU A 433 16.24 -32.44 22.45
C GLU A 433 16.80 -33.31 21.34
N LYS A 434 16.57 -32.93 20.08
CA LYS A 434 17.14 -33.70 18.99
C LYS A 434 18.66 -33.71 19.06
N LEU A 435 19.26 -32.73 19.74
CA LEU A 435 20.71 -32.67 19.90
C LEU A 435 21.21 -33.15 21.26
N GLY A 436 20.33 -33.32 22.25
CA GLY A 436 20.75 -33.63 23.59
C GLY A 436 21.27 -32.45 24.40
N GLU A 437 21.19 -31.23 23.85
CA GLU A 437 21.68 -30.04 24.54
C GLU A 437 20.56 -29.29 25.25
N THR A 438 19.45 -29.96 25.57
CA THR A 438 18.35 -29.26 26.22
C THR A 438 18.81 -28.56 27.49
N GLU A 439 19.66 -29.22 28.27
CA GLU A 439 20.10 -28.64 29.53
C GLU A 439 20.91 -27.36 29.29
N LYS A 440 21.78 -27.37 28.28
CA LYS A 440 22.58 -26.17 28.00
C LYS A 440 21.67 -24.99 27.70
N LEU A 441 20.63 -25.22 26.91
CA LEU A 441 19.66 -24.18 26.62
C LEU A 441 18.91 -23.74 27.88
N SER A 442 18.47 -24.70 28.69
CA SER A 442 17.78 -24.33 29.93
C SER A 442 18.65 -23.38 30.73
N ILE A 443 19.92 -23.73 30.86
CA ILE A 443 20.89 -22.90 31.59
C ILE A 443 20.99 -21.53 30.96
N MET A 444 21.15 -21.48 29.63
CA MET A 444 21.29 -20.21 28.93
C MET A 444 20.10 -19.31 29.20
N ILE A 445 18.89 -19.87 29.12
CA ILE A 445 17.66 -19.11 29.38
C ILE A 445 17.62 -18.65 30.82
N GLU A 446 18.16 -19.44 31.73
CA GLU A 446 18.17 -19.08 33.15
C GLU A 446 19.14 -17.93 33.42
N GLU A 447 20.32 -17.94 32.80
CA GLU A 447 21.30 -16.89 33.07
C GLU A 447 20.78 -15.50 32.69
N CYS A 448 20.02 -15.39 31.61
CA CYS A 448 19.52 -14.10 31.17
C CYS A 448 18.21 -13.71 31.87
N GLY A 449 17.80 -14.46 32.90
CA GLY A 449 16.58 -14.16 33.62
C GLY A 449 15.31 -14.69 32.99
N GLY A 450 15.43 -15.57 31.99
CA GLY A 450 14.22 -16.02 31.30
C GLY A 450 13.36 -16.90 32.16
N LEU A 451 13.97 -17.77 32.97
CA LEU A 451 13.20 -18.66 33.83
C LEU A 451 12.23 -17.88 34.70
N ASP A 452 12.69 -16.75 35.26
CA ASP A 452 11.80 -15.94 36.09
C ASP A 452 10.57 -15.50 35.28
N LYS A 453 10.80 -15.07 34.04
CA LYS A 453 9.72 -14.60 33.19
C LYS A 453 8.73 -15.73 32.91
N ILE A 454 9.24 -16.94 32.64
CA ILE A 454 8.35 -18.08 32.39
C ILE A 454 7.55 -18.40 33.65
N GLU A 455 8.21 -18.35 34.81
CA GLU A 455 7.49 -18.59 36.06
C GLU A 455 6.38 -17.58 36.24
N ALA A 456 6.66 -16.32 35.90
CA ALA A 456 5.60 -15.31 35.97
C ALA A 456 4.50 -15.60 34.97
N LEU A 457 4.85 -16.15 33.81
CA LEU A 457 3.81 -16.50 32.85
C LEU A 457 2.88 -17.57 33.41
N GLN A 458 3.38 -18.41 34.32
CA GLN A 458 2.49 -19.37 34.99
C GLN A 458 1.27 -18.67 35.61
N ARG A 459 1.49 -17.49 36.19
CA ARG A 459 0.45 -16.70 36.85
C ARG A 459 -0.14 -15.65 35.92
N HIS A 460 -0.04 -15.87 34.61
CA HIS A 460 -0.58 -14.95 33.65
C HIS A 460 -2.10 -15.13 33.55
N GLU A 461 -2.76 -14.12 33.00
CA GLU A 461 -4.21 -14.11 32.92
C GLU A 461 -4.73 -14.79 31.65
N ASN A 462 -3.86 -15.49 30.93
CA ASN A 462 -4.25 -16.20 29.72
C ASN A 462 -4.00 -17.70 29.88
N GLU A 463 -4.92 -18.50 29.34
CA GLU A 463 -4.82 -19.95 29.49
C GLU A 463 -3.70 -20.53 28.65
N SER A 464 -3.61 -20.16 27.37
CA SER A 464 -2.57 -20.72 26.50
C SER A 464 -1.19 -20.35 27.01
N VAL A 465 -1.06 -19.12 27.53
CA VAL A 465 0.20 -18.67 28.11
C VAL A 465 0.57 -19.57 29.29
N TYR A 466 -0.40 -19.81 30.17
CA TYR A 466 -0.17 -20.64 31.34
C TYR A 466 0.24 -22.04 30.89
N LYS A 467 -0.48 -22.61 29.93
CA LYS A 467 -0.14 -23.97 29.50
C LYS A 467 1.25 -24.02 28.90
N ALA A 468 1.61 -23.04 28.07
CA ALA A 468 2.94 -23.02 27.47
C ALA A 468 4.03 -22.88 28.52
N SER A 469 3.91 -21.89 29.41
CA SER A 469 4.93 -21.69 30.44
C SER A 469 5.06 -22.90 31.36
N LEU A 470 3.94 -23.47 31.79
CA LEU A 470 3.99 -24.64 32.66
C LEU A 470 4.65 -25.80 31.92
N ASN A 471 4.30 -25.96 30.64
CA ASN A 471 4.86 -27.03 29.83
C ASN A 471 6.37 -26.89 29.70
N LEU A 472 6.85 -25.67 29.50
CA LEU A 472 8.30 -25.45 29.38
C LEU A 472 9.00 -25.78 30.71
N ILE A 473 8.50 -25.20 31.81
CA ILE A 473 9.14 -25.39 33.11
C ILE A 473 9.03 -26.83 33.61
N GLU A 474 8.14 -27.63 33.01
CA GLU A 474 7.96 -29.00 33.41
C GLU A 474 8.81 -29.93 32.56
N LYS A 475 8.91 -29.64 31.27
CA LYS A 475 9.68 -30.50 30.38
C LYS A 475 11.17 -30.22 30.47
N TYR A 476 11.59 -29.04 30.95
CA TYR A 476 12.98 -28.64 30.91
C TYR A 476 13.52 -28.15 32.27
N PHE A 477 12.91 -27.11 32.83
CA PHE A 477 13.39 -26.52 34.08
C PHE A 477 12.71 -27.17 35.29
N SER A 478 12.94 -28.46 35.46
CA SER A 478 12.33 -29.18 36.58
C SER A 478 13.35 -30.05 37.32
N VAL B 8 -3.57 12.99 0.62
CA VAL B 8 -3.78 13.36 -0.77
C VAL B 8 -4.04 12.13 -1.64
N GLN B 9 -3.71 10.94 -1.11
CA GLN B 9 -3.54 9.79 -2.01
C GLN B 9 -4.86 9.35 -2.61
N ARG B 10 -5.95 9.38 -1.83
N ARG B 10 -5.94 9.35 -1.82
CA ARG B 10 -7.22 8.86 -2.32
CA ARG B 10 -7.23 8.87 -2.32
C ARG B 10 -7.92 9.89 -3.21
C ARG B 10 -7.86 9.91 -3.25
N LYS B 11 -8.04 11.12 -2.75
CA LYS B 11 -8.61 12.21 -3.53
C LYS B 11 -7.65 13.39 -3.50
N ARG B 12 -7.62 14.13 -4.60
CA ARG B 12 -6.72 15.26 -4.79
C ARG B 12 -7.54 16.48 -5.19
N ARG B 13 -7.52 17.51 -4.34
CA ARG B 13 -8.09 18.79 -4.73
C ARG B 13 -7.04 19.57 -5.52
N LYS B 14 -7.46 20.14 -6.66
CA LYS B 14 -6.56 20.94 -7.48
C LYS B 14 -6.56 22.37 -6.96
N ALA B 15 -5.42 22.78 -6.39
CA ALA B 15 -5.24 24.14 -5.87
C ALA B 15 -4.37 24.97 -6.81
N GLN C 1 2.78 -18.07 9.72
CA GLN C 1 2.95 -18.43 8.31
C GLN C 1 1.93 -17.71 7.42
N ARG C 2 2.43 -16.87 6.53
CA ARG C 2 1.60 -16.05 5.64
C ARG C 2 0.60 -15.23 6.46
N LYS C 3 1.14 -14.26 7.19
CA LYS C 3 0.33 -13.47 8.11
C LYS C 3 -0.67 -12.56 7.39
N ARG C 4 -0.34 -12.10 6.19
CA ARG C 4 -1.23 -11.24 5.38
C ARG C 4 -1.88 -10.15 6.22
N ARG C 5 -1.05 -9.38 6.92
CA ARG C 5 -1.51 -8.24 7.71
C ARG C 5 -2.70 -8.59 8.60
#